data_2IZN
#
_entry.id   2IZN
#
_cell.length_a   288.000
_cell.length_b   288.000
_cell.length_c   653.000
_cell.angle_alpha   90.00
_cell.angle_beta   90.00
_cell.angle_gamma   120.00
#
_symmetry.space_group_name_H-M   'H 3 2'
#
loop_
_entity.id
_entity.type
_entity.pdbx_description
1 polymer 'MS2 COAT PROTEIN'
2 polymer "5'-R(*AP*CP*AP*UP*CP*GP*CP*GP*AP*UP *UP*AP*CP*GP*GP*AP*UP*GP*U)-3'"
3 water water
#
loop_
_entity_poly.entity_id
_entity_poly.type
_entity_poly.pdbx_seq_one_letter_code
_entity_poly.pdbx_strand_id
1 'polypeptide(L)'
;ASNFTQFVLVDNGGTGDVTVAPSNFANGVAEWISSNSRSQAYKVTCSVRQSSAQNRKYTIKVEVPKVATQTVGGVELPVA
AWRSYLNMELTIPIFATNSDCELIVKAMQGLLKDGNPIPSAIAANSGIY
;
A,B,C
2 'polyribonucleotide' ACAUCGCGAUUACGGAUGU R,S
#
# COMPACT_ATOMS: atom_id res chain seq x y z
N ALA A 1 -12.85 8.77 -11.11
CA ALA A 1 -12.29 8.51 -9.74
C ALA A 1 -11.55 7.16 -9.62
N SER A 2 -10.71 7.10 -8.60
CA SER A 2 -9.90 5.93 -8.26
C SER A 2 -9.05 6.52 -7.16
N ASN A 3 -8.98 5.88 -6.01
CA ASN A 3 -8.18 6.44 -4.95
C ASN A 3 -6.77 5.89 -4.95
N PHE A 4 -6.47 4.98 -5.86
CA PHE A 4 -5.14 4.40 -5.93
C PHE A 4 -4.23 5.35 -6.68
N THR A 5 -3.84 6.44 -6.02
CA THR A 5 -2.99 7.46 -6.62
C THR A 5 -1.74 7.69 -5.78
N GLN A 6 -0.78 8.41 -6.35
CA GLN A 6 0.44 8.69 -5.60
C GLN A 6 0.18 9.84 -4.65
N PHE A 7 1.03 9.96 -3.63
CA PHE A 7 0.87 11.02 -2.65
C PHE A 7 2.22 11.26 -2.02
N VAL A 8 2.37 12.39 -1.33
CA VAL A 8 3.64 12.67 -0.69
C VAL A 8 3.56 12.15 0.74
N LEU A 9 4.43 11.19 1.03
CA LEU A 9 4.50 10.56 2.34
C LEU A 9 5.20 11.46 3.34
N VAL A 10 6.36 11.98 2.95
CA VAL A 10 7.14 12.87 3.78
C VAL A 10 7.18 14.24 3.14
N ASP A 11 6.63 15.23 3.83
CA ASP A 11 6.61 16.58 3.31
C ASP A 11 7.71 17.46 3.90
N ASN A 12 8.66 17.85 3.04
CA ASN A 12 9.76 18.73 3.44
C ASN A 12 9.65 20.02 2.62
N GLY A 13 8.42 20.51 2.46
CA GLY A 13 8.19 21.72 1.70
C GLY A 13 8.78 21.60 0.29
N GLY A 14 8.03 20.95 -0.62
CA GLY A 14 8.46 20.76 -2.01
C GLY A 14 9.94 20.69 -2.38
N THR A 15 10.81 20.21 -1.48
CA THR A 15 12.24 20.09 -1.77
C THR A 15 12.86 18.99 -0.89
N GLY A 16 12.94 17.79 -1.46
CA GLY A 16 13.46 16.66 -0.70
C GLY A 16 12.24 15.93 -0.13
N ASP A 17 11.09 16.18 -0.78
CA ASP A 17 9.83 15.57 -0.40
C ASP A 17 9.84 14.10 -0.83
N VAL A 18 9.42 13.21 0.04
CA VAL A 18 9.35 11.79 -0.31
C VAL A 18 7.95 11.49 -0.81
N THR A 19 7.81 11.32 -2.12
CA THR A 19 6.52 11.00 -2.70
C THR A 19 6.55 9.49 -3.00
N VAL A 20 5.40 8.86 -2.81
CA VAL A 20 5.27 7.43 -2.99
C VAL A 20 4.19 7.17 -4.04
N ALA A 21 4.40 6.18 -4.92
CA ALA A 21 3.44 5.90 -5.98
C ALA A 21 2.98 4.45 -6.06
N PRO A 22 1.77 4.23 -6.63
CA PRO A 22 1.21 2.88 -6.77
C PRO A 22 2.20 1.95 -7.46
N SER A 23 2.33 0.73 -6.95
CA SER A 23 3.26 -0.20 -7.55
C SER A 23 2.79 -1.64 -7.63
N ASN A 24 1.74 -2.00 -6.93
CA ASN A 24 1.27 -3.38 -6.99
C ASN A 24 -0.07 -3.54 -6.29
N PHE A 25 -0.90 -4.44 -6.80
CA PHE A 25 -2.20 -4.68 -6.19
C PHE A 25 -2.45 -6.18 -6.11
N ALA A 26 -1.39 -6.96 -6.32
CA ALA A 26 -1.48 -8.40 -6.28
C ALA A 26 -1.99 -8.89 -4.94
N ASN A 27 -2.90 -9.86 -4.99
CA ASN A 27 -3.48 -10.44 -3.78
C ASN A 27 -4.25 -9.48 -2.89
N GLY A 28 -4.88 -8.49 -3.50
CA GLY A 28 -5.66 -7.54 -2.71
C GLY A 28 -4.88 -6.67 -1.74
N VAL A 29 -3.57 -6.56 -1.94
CA VAL A 29 -2.78 -5.71 -1.08
C VAL A 29 -2.27 -4.55 -1.93
N ALA A 30 -2.78 -3.36 -1.67
CA ALA A 30 -2.37 -2.19 -2.43
C ALA A 30 -0.99 -1.76 -1.92
N GLU A 31 -0.06 -1.54 -2.85
CA GLU A 31 1.30 -1.15 -2.49
C GLU A 31 1.75 0.12 -3.17
N TRP A 32 2.58 0.87 -2.47
CA TRP A 32 3.13 2.14 -2.96
C TRP A 32 4.60 2.10 -2.56
N ILE A 33 5.51 2.53 -3.44
CA ILE A 33 6.91 2.59 -3.05
C ILE A 33 7.47 3.88 -3.65
N SER A 34 8.61 4.34 -3.14
CA SER A 34 9.22 5.57 -3.65
C SER A 34 10.16 5.22 -4.81
N SER A 35 10.57 6.23 -5.57
CA SER A 35 11.47 6.01 -6.70
C SER A 35 12.87 5.69 -6.26
N ASN A 36 13.11 4.45 -5.88
CA ASN A 36 14.43 4.03 -5.44
C ASN A 36 14.59 2.59 -5.84
N SER A 37 15.75 2.04 -5.50
CA SER A 37 15.98 0.64 -5.77
C SER A 37 15.04 0.04 -4.74
N ARG A 38 14.50 -1.13 -5.06
CA ARG A 38 13.58 -1.82 -4.18
C ARG A 38 14.23 -2.03 -2.80
N SER A 39 15.56 -2.00 -2.73
CA SER A 39 16.26 -2.20 -1.48
C SER A 39 16.36 -0.93 -0.61
N GLN A 40 16.07 0.23 -1.20
CA GLN A 40 16.13 1.49 -0.46
C GLN A 40 14.83 2.26 -0.42
N ALA A 41 13.76 1.67 -0.97
CA ALA A 41 12.49 2.36 -1.04
C ALA A 41 11.63 2.43 0.20
N TYR A 42 10.83 3.50 0.24
CA TYR A 42 9.87 3.68 1.30
C TYR A 42 8.75 2.79 0.81
N LYS A 43 8.04 2.14 1.70
CA LYS A 43 6.99 1.25 1.26
C LYS A 43 5.73 1.44 2.09
N VAL A 44 4.58 1.42 1.44
CA VAL A 44 3.31 1.57 2.12
C VAL A 44 2.37 0.52 1.55
N THR A 45 1.70 -0.22 2.42
CA THR A 45 0.76 -1.23 1.95
C THR A 45 -0.54 -1.10 2.73
N CYS A 46 -1.64 -1.43 2.07
CA CYS A 46 -2.94 -1.34 2.70
C CYS A 46 -3.86 -2.42 2.17
N SER A 47 -4.70 -2.96 3.04
CA SER A 47 -5.66 -3.98 2.64
C SER A 47 -6.85 -3.96 3.58
N VAL A 48 -8.04 -4.22 3.05
CA VAL A 48 -9.27 -4.24 3.84
C VAL A 48 -9.85 -5.63 3.78
N ARG A 49 -10.37 -6.10 4.89
CA ARG A 49 -10.96 -7.41 4.94
C ARG A 49 -12.16 -7.43 5.86
N GLN A 50 -13.15 -8.26 5.55
CA GLN A 50 -14.33 -8.38 6.40
C GLN A 50 -13.95 -9.41 7.46
N SER A 51 -13.14 -8.98 8.43
CA SER A 51 -12.63 -9.81 9.53
C SER A 51 -13.67 -10.53 10.39
N SER A 52 -14.95 -10.27 10.15
CA SER A 52 -15.98 -10.92 10.93
C SER A 52 -17.31 -10.65 10.27
N ALA A 53 -18.35 -11.25 10.86
CA ALA A 53 -19.70 -11.05 10.34
C ALA A 53 -20.00 -9.53 10.41
N GLN A 54 -19.58 -8.88 11.51
CA GLN A 54 -19.90 -7.48 11.69
C GLN A 54 -18.74 -6.49 11.81
N ASN A 55 -17.58 -6.86 11.25
CA ASN A 55 -16.40 -6.00 11.31
C ASN A 55 -15.64 -5.96 10.01
N ARG A 56 -14.96 -4.85 9.81
CA ARG A 56 -14.11 -4.68 8.67
C ARG A 56 -12.80 -4.23 9.28
N LYS A 57 -11.71 -4.77 8.79
CA LYS A 57 -10.42 -4.45 9.34
C LYS A 57 -9.42 -3.98 8.29
N TYR A 58 -8.88 -2.79 8.50
CA TYR A 58 -7.88 -2.24 7.59
C TYR A 58 -6.53 -2.56 8.20
N THR A 59 -5.60 -3.02 7.37
CA THR A 59 -4.25 -3.31 7.83
C THR A 59 -3.33 -2.42 7.01
N ILE A 60 -2.62 -1.54 7.69
CA ILE A 60 -1.74 -0.59 7.03
C ILE A 60 -0.33 -0.71 7.55
N LYS A 61 0.65 -0.70 6.63
CA LYS A 61 2.06 -0.78 7.00
C LYS A 61 2.92 0.20 6.24
N VAL A 62 3.85 0.83 6.96
CA VAL A 62 4.75 1.79 6.36
C VAL A 62 6.17 1.40 6.75
N GLU A 63 7.09 1.52 5.80
CA GLU A 63 8.49 1.19 6.03
C GLU A 63 9.35 2.40 5.73
N VAL A 64 10.02 2.93 6.75
CA VAL A 64 10.90 4.08 6.58
C VAL A 64 12.35 3.58 6.64
N PRO A 65 13.08 3.70 5.53
CA PRO A 65 14.47 3.25 5.49
C PRO A 65 15.52 4.30 5.79
N LYS A 66 16.66 3.82 6.29
CA LYS A 66 17.82 4.67 6.56
C LYS A 66 18.75 4.24 5.44
N VAL A 67 18.80 5.04 4.36
CA VAL A 67 19.63 4.69 3.20
C VAL A 67 21.14 4.76 3.43
N ALA A 68 21.85 3.84 2.79
CA ALA A 68 23.30 3.77 2.93
C ALA A 68 23.92 3.01 1.75
N THR A 69 25.22 3.17 1.60
CA THR A 69 25.96 2.48 0.55
C THR A 69 26.86 1.44 1.23
N GLN A 70 26.67 0.18 0.90
CA GLN A 70 27.47 -0.85 1.53
C GLN A 70 28.44 -1.54 0.57
N THR A 71 29.64 -1.81 1.07
CA THR A 71 30.66 -2.49 0.28
C THR A 71 30.67 -3.98 0.60
N VAL A 72 30.07 -4.76 -0.30
CA VAL A 72 29.99 -6.23 -0.15
C VAL A 72 30.90 -6.85 -1.21
N GLY A 73 31.78 -7.75 -0.78
CA GLY A 73 32.71 -8.38 -1.73
C GLY A 73 33.49 -7.34 -2.54
N GLY A 74 33.86 -6.23 -1.90
CA GLY A 74 34.62 -5.19 -2.58
C GLY A 74 33.83 -4.37 -3.58
N VAL A 75 32.51 -4.52 -3.57
CA VAL A 75 31.64 -3.77 -4.48
C VAL A 75 30.59 -2.93 -3.74
N GLU A 76 30.29 -1.74 -4.26
CA GLU A 76 29.31 -0.86 -3.64
C GLU A 76 27.86 -1.10 -4.07
N LEU A 77 27.00 -1.33 -3.09
CA LEU A 77 25.58 -1.58 -3.37
C LEU A 77 24.70 -0.60 -2.58
N PRO A 78 23.61 -0.12 -3.19
CA PRO A 78 22.69 0.80 -2.51
C PRO A 78 21.87 -0.09 -1.59
N VAL A 79 21.89 0.20 -0.30
CA VAL A 79 21.17 -0.63 0.64
C VAL A 79 20.52 0.19 1.77
N ALA A 80 19.96 -0.47 2.77
CA ALA A 80 19.34 0.23 3.89
C ALA A 80 20.00 -0.20 5.20
N ALA A 81 20.58 0.76 5.93
CA ALA A 81 21.25 0.47 7.20
C ALA A 81 20.28 -0.23 8.12
N TRP A 82 19.05 0.27 8.17
CA TRP A 82 17.99 -0.30 8.98
C TRP A 82 16.68 0.29 8.51
N ARG A 83 15.58 -0.27 9.00
CA ARG A 83 14.26 0.19 8.64
C ARG A 83 13.39 0.34 9.87
N SER A 84 12.51 1.33 9.81
CA SER A 84 11.58 1.59 10.89
C SER A 84 10.24 1.07 10.36
N TYR A 85 9.50 0.33 11.19
CA TYR A 85 8.23 -0.24 10.74
C TYR A 85 7.01 0.25 11.50
N LEU A 86 5.96 0.62 10.77
CA LEU A 86 4.71 1.04 11.36
C LEU A 86 3.64 0.04 10.94
N ASN A 87 3.03 -0.63 11.91
CA ASN A 87 1.98 -1.60 11.61
C ASN A 87 0.71 -1.15 12.32
N MET A 88 -0.31 -0.76 11.58
CA MET A 88 -1.54 -0.38 12.24
C MET A 88 -2.73 -1.17 11.75
N GLU A 89 -3.66 -1.43 12.66
CA GLU A 89 -4.87 -2.18 12.34
C GLU A 89 -6.05 -1.42 12.88
N LEU A 90 -7.00 -1.15 12.00
CA LEU A 90 -8.18 -0.41 12.37
C LEU A 90 -9.41 -1.29 12.19
N THR A 91 -10.14 -1.55 13.27
CA THR A 91 -11.34 -2.37 13.19
C THR A 91 -12.55 -1.48 13.32
N ILE A 92 -13.38 -1.44 12.27
CA ILE A 92 -14.57 -0.60 12.24
C ILE A 92 -15.82 -1.45 12.11
N PRO A 93 -16.83 -1.23 12.98
CA PRO A 93 -18.07 -2.01 12.87
C PRO A 93 -18.80 -1.70 11.57
N ILE A 94 -19.53 -2.67 11.01
CA ILE A 94 -20.25 -2.44 9.76
C ILE A 94 -21.36 -1.42 9.91
N PHE A 95 -21.73 -1.09 11.14
CA PHE A 95 -22.80 -0.14 11.39
C PHE A 95 -22.30 1.29 11.35
N ALA A 96 -21.00 1.45 11.13
CA ALA A 96 -20.40 2.77 11.06
C ALA A 96 -20.81 3.49 9.78
N THR A 97 -21.32 4.69 9.98
CA THR A 97 -21.77 5.59 8.94
C THR A 97 -20.55 6.24 8.30
N ASN A 98 -20.74 6.92 7.17
CA ASN A 98 -19.64 7.61 6.51
C ASN A 98 -19.14 8.70 7.44
N SER A 99 -20.06 9.39 8.10
CA SER A 99 -19.69 10.44 9.02
C SER A 99 -19.02 9.84 10.26
N ASP A 100 -19.36 8.59 10.59
CA ASP A 100 -18.76 7.93 11.74
C ASP A 100 -17.31 7.64 11.40
N CYS A 101 -17.06 7.31 10.15
CA CYS A 101 -15.71 7.01 9.69
C CYS A 101 -14.86 8.27 9.57
N GLU A 102 -15.48 9.38 9.19
CA GLU A 102 -14.76 10.64 9.08
C GLU A 102 -14.23 11.02 10.45
N LEU A 103 -14.99 10.65 11.46
CA LEU A 103 -14.66 10.92 12.85
C LEU A 103 -13.41 10.14 13.25
N ILE A 104 -13.27 8.93 12.71
CA ILE A 104 -12.11 8.10 13.00
C ILE A 104 -10.88 8.71 12.34
N VAL A 105 -11.03 9.18 11.11
CA VAL A 105 -9.90 9.77 10.41
C VAL A 105 -9.39 11.01 11.14
N LYS A 106 -10.30 11.88 11.55
CA LYS A 106 -9.93 13.09 12.27
C LYS A 106 -9.22 12.78 13.58
N ALA A 107 -9.63 11.71 14.25
CA ALA A 107 -9.01 11.33 15.51
C ALA A 107 -7.56 10.94 15.26
N MET A 108 -7.32 10.21 14.18
CA MET A 108 -5.97 9.77 13.85
C MET A 108 -5.11 10.94 13.42
N GLN A 109 -5.71 11.92 12.77
CA GLN A 109 -4.95 13.10 12.34
C GLN A 109 -4.63 13.95 13.55
N GLY A 110 -5.60 14.11 14.45
CA GLY A 110 -5.37 14.90 15.64
C GLY A 110 -4.33 14.24 16.52
N LEU A 111 -4.35 12.91 16.54
CA LEU A 111 -3.42 12.14 17.35
C LEU A 111 -1.96 12.46 17.02
N LEU A 112 -1.66 12.62 15.74
CA LEU A 112 -0.30 12.87 15.28
C LEU A 112 0.06 14.31 14.91
N LYS A 113 -0.80 15.26 15.24
CA LYS A 113 -0.54 16.65 14.91
C LYS A 113 0.67 17.19 15.67
N ASP A 114 1.45 18.06 15.02
CA ASP A 114 2.63 18.64 15.65
C ASP A 114 2.31 19.31 16.97
N GLY A 115 3.13 19.04 17.97
CA GLY A 115 2.93 19.66 19.26
C GLY A 115 2.14 18.82 20.23
N ASN A 116 1.37 17.85 19.72
CA ASN A 116 0.61 17.02 20.62
C ASN A 116 1.53 16.01 21.30
N PRO A 117 1.13 15.50 22.47
CA PRO A 117 1.91 14.54 23.25
C PRO A 117 2.67 13.45 22.51
N ILE A 118 1.95 12.54 21.87
CA ILE A 118 2.57 11.42 21.18
C ILE A 118 3.62 11.76 20.11
N PRO A 119 3.28 12.59 19.13
CA PRO A 119 4.34 12.86 18.16
C PRO A 119 5.55 13.54 18.81
N SER A 120 5.31 14.30 19.88
CA SER A 120 6.38 14.98 20.59
C SER A 120 7.33 14.00 21.27
N ALA A 121 6.75 12.98 21.89
CA ALA A 121 7.55 11.97 22.56
C ALA A 121 8.39 11.20 21.57
N ILE A 122 7.75 10.71 20.52
CA ILE A 122 8.44 9.94 19.49
C ILE A 122 9.59 10.72 18.89
N ALA A 123 9.34 11.97 18.53
CA ALA A 123 10.36 12.80 17.91
C ALA A 123 11.54 13.10 18.83
N ALA A 124 11.35 12.86 20.13
CA ALA A 124 12.43 13.14 21.08
C ALA A 124 13.01 11.91 21.74
N ASN A 125 12.74 10.73 21.17
CA ASN A 125 13.25 9.48 21.74
C ASN A 125 12.91 9.45 23.21
N SER A 126 11.65 9.76 23.51
CA SER A 126 11.18 9.83 24.89
C SER A 126 9.88 9.06 25.11
N GLY A 127 9.47 8.95 26.37
CA GLY A 127 8.21 8.29 26.70
C GLY A 127 7.24 9.40 27.13
N ILE A 128 6.03 9.04 27.55
CA ILE A 128 5.12 10.09 27.99
C ILE A 128 5.27 10.22 29.50
N TYR A 129 5.36 11.46 29.97
CA TYR A 129 5.50 11.69 31.40
C TYR A 129 5.08 13.11 31.76
N ALA B 1 10.67 17.80 29.91
CA ALA B 1 9.48 18.62 29.47
C ALA B 1 8.25 18.35 30.37
N SER B 2 7.55 17.26 30.02
CA SER B 2 6.32 16.77 30.65
C SER B 2 5.31 17.01 29.56
N ASN B 3 5.11 15.97 28.77
CA ASN B 3 4.21 16.01 27.64
C ASN B 3 2.89 15.32 27.95
N PHE B 4 2.74 14.80 29.16
CA PHE B 4 1.50 14.12 29.50
C PHE B 4 0.41 15.14 29.81
N THR B 5 -0.08 15.80 28.77
CA THR B 5 -1.11 16.81 28.92
C THR B 5 -2.31 16.61 28.01
N GLN B 6 -3.35 17.35 28.33
CA GLN B 6 -4.60 17.36 27.60
C GLN B 6 -4.38 17.87 26.17
N PHE B 7 -5.10 17.31 25.20
CA PHE B 7 -4.96 17.76 23.82
C PHE B 7 -6.23 17.51 23.01
N VAL B 8 -6.35 18.19 21.88
CA VAL B 8 -7.52 18.06 21.02
C VAL B 8 -7.34 16.86 20.08
N LEU B 9 -8.21 15.85 20.24
CA LEU B 9 -8.13 14.67 19.41
C LEU B 9 -8.90 14.86 18.11
N VAL B 10 -10.13 15.36 18.21
CA VAL B 10 -10.96 15.61 17.03
C VAL B 10 -11.19 17.10 16.89
N ASP B 11 -10.61 17.66 15.83
CA ASP B 11 -10.72 19.09 15.55
C ASP B 11 -11.88 19.43 14.63
N ASN B 12 -12.86 20.15 15.15
CA ASN B 12 -14.00 20.59 14.35
C ASN B 12 -14.03 22.11 14.27
N GLY B 13 -12.84 22.71 14.34
CA GLY B 13 -12.71 24.15 14.27
C GLY B 13 -13.37 24.90 15.42
N GLY B 14 -12.97 24.58 16.65
CA GLY B 14 -13.52 25.28 17.82
C GLY B 14 -14.86 24.79 18.36
N THR B 15 -15.85 24.62 17.49
CA THR B 15 -17.16 24.17 17.95
C THR B 15 -17.41 22.67 17.66
N GLY B 16 -17.49 21.89 18.74
CA GLY B 16 -17.71 20.47 18.60
C GLY B 16 -16.37 19.72 18.67
N ASP B 17 -15.33 20.38 19.16
CA ASP B 17 -14.03 19.75 19.27
C ASP B 17 -14.07 18.70 20.37
N VAL B 18 -13.32 17.63 20.19
CA VAL B 18 -13.26 16.58 21.19
C VAL B 18 -11.89 16.66 21.86
N THR B 19 -11.90 16.97 23.14
CA THR B 19 -10.69 17.08 23.91
C THR B 19 -10.53 15.82 24.73
N VAL B 20 -9.30 15.36 24.84
CA VAL B 20 -8.99 14.14 25.56
C VAL B 20 -7.97 14.53 26.64
N ALA B 21 -8.22 14.15 27.90
CA ALA B 21 -7.34 14.53 29.01
C ALA B 21 -6.77 13.35 29.78
N PRO B 22 -5.58 13.52 30.39
CA PRO B 22 -4.93 12.47 31.18
C PRO B 22 -5.90 11.82 32.17
N SER B 23 -5.94 10.49 32.17
CA SER B 23 -6.86 9.79 33.06
C SER B 23 -6.25 8.60 33.81
N ASN B 24 -5.02 8.21 33.45
CA ASN B 24 -4.41 7.09 34.13
C ASN B 24 -2.95 6.97 33.71
N PHE B 25 -2.11 6.50 34.62
CA PHE B 25 -0.68 6.33 34.33
C PHE B 25 -0.15 5.04 34.95
N ALA B 26 -1.06 4.12 35.24
CA ALA B 26 -0.68 2.84 35.82
C ALA B 26 0.25 2.07 34.88
N ASN B 27 1.32 1.53 35.44
CA ASN B 27 2.30 0.76 34.68
C ASN B 27 3.02 1.50 33.56
N GLY B 28 3.18 2.80 33.73
CA GLY B 28 3.86 3.58 32.70
C GLY B 28 3.05 3.75 31.42
N VAL B 29 1.84 3.17 31.39
CA VAL B 29 0.97 3.28 30.23
C VAL B 29 0.12 4.53 30.39
N ALA B 30 0.40 5.57 29.61
CA ALA B 30 -0.35 6.81 29.69
C ALA B 30 -1.70 6.65 29.02
N GLU B 31 -2.75 7.17 29.65
CA GLU B 31 -4.11 7.10 29.12
C GLU B 31 -4.79 8.46 29.11
N TRP B 32 -5.59 8.70 28.09
CA TRP B 32 -6.34 9.93 27.93
C TRP B 32 -7.76 9.54 27.55
N ILE B 33 -8.77 10.20 28.10
CA ILE B 33 -10.15 9.89 27.71
C ILE B 33 -10.96 11.16 27.61
N SER B 34 -12.01 11.11 26.80
CA SER B 34 -12.89 12.26 26.65
C SER B 34 -13.83 12.26 27.84
N SER B 35 -14.59 13.33 27.98
CA SER B 35 -15.52 13.48 29.08
C SER B 35 -16.83 12.74 28.79
N ASN B 36 -16.79 11.42 28.86
CA ASN B 36 -17.95 10.57 28.60
C ASN B 36 -17.93 9.38 29.52
N SER B 37 -18.93 8.52 29.37
CA SER B 37 -18.99 7.29 30.13
C SER B 37 -17.90 6.52 29.44
N ARG B 38 -17.29 5.54 30.10
CA ARG B 38 -16.21 4.82 29.43
C ARG B 38 -16.65 3.97 28.26
N SER B 39 -17.95 3.72 28.15
CA SER B 39 -18.46 2.92 27.06
C SER B 39 -18.60 3.78 25.80
N GLN B 40 -18.71 5.09 25.98
CA GLN B 40 -18.86 6.00 24.85
C GLN B 40 -17.73 6.98 24.68
N ALA B 41 -16.67 6.83 25.48
CA ALA B 41 -15.55 7.76 25.43
C ALA B 41 -14.53 7.52 24.33
N TYR B 42 -13.75 8.57 24.06
CA TYR B 42 -12.66 8.48 23.09
C TYR B 42 -11.53 8.13 24.01
N LYS B 43 -10.77 7.08 23.69
CA LYS B 43 -9.68 6.70 24.55
C LYS B 43 -8.37 6.59 23.78
N VAL B 44 -7.29 7.01 24.42
CA VAL B 44 -5.97 6.94 23.82
C VAL B 44 -4.98 6.45 24.86
N THR B 45 -4.16 5.47 24.52
CA THR B 45 -3.14 4.97 25.43
C THR B 45 -1.83 4.86 24.65
N CYS B 46 -0.72 5.05 25.34
CA CYS B 46 0.57 5.00 24.69
C CYS B 46 1.66 4.51 25.63
N SER B 47 2.52 3.63 25.15
CA SER B 47 3.62 3.12 25.95
C SER B 47 4.84 2.82 25.07
N VAL B 48 6.01 2.77 25.68
CA VAL B 48 7.24 2.48 24.94
C VAL B 48 8.00 1.43 25.70
N ARG B 49 8.76 0.62 24.98
CA ARG B 49 9.56 -0.42 25.61
C ARG B 49 10.62 -0.84 24.62
N GLN B 50 11.65 -1.50 25.13
CA GLN B 50 12.70 -1.99 24.26
C GLN B 50 12.22 -3.38 23.86
N SER B 51 11.66 -3.50 22.65
CA SER B 51 11.13 -4.79 22.19
C SER B 51 12.20 -5.87 22.09
N SER B 52 13.41 -5.46 21.68
CA SER B 52 14.54 -6.38 21.55
C SER B 52 15.81 -5.59 21.76
N ALA B 53 16.95 -6.24 21.58
CA ALA B 53 18.23 -5.58 21.78
C ALA B 53 18.51 -4.52 20.71
N GLN B 54 17.88 -4.69 19.54
CA GLN B 54 18.12 -3.77 18.44
C GLN B 54 16.99 -2.74 18.22
N ASN B 55 15.82 -2.96 18.82
CA ASN B 55 14.68 -2.07 18.63
C ASN B 55 13.91 -1.59 19.86
N ARG B 56 13.27 -0.44 19.69
CA ARG B 56 12.40 0.14 20.71
C ARG B 56 11.03 0.10 20.03
N LYS B 57 9.96 0.03 20.80
CA LYS B 57 8.65 -0.04 20.18
C LYS B 57 7.56 0.71 20.91
N TYR B 58 6.88 1.61 20.20
CA TYR B 58 5.76 2.37 20.75
C TYR B 58 4.48 1.63 20.42
N THR B 59 3.60 1.51 21.40
CA THR B 59 2.32 0.85 21.18
C THR B 59 1.26 1.91 21.48
N ILE B 60 0.56 2.33 20.45
CA ILE B 60 -0.47 3.34 20.57
C ILE B 60 -1.82 2.75 20.21
N LYS B 61 -2.79 2.93 21.11
CA LYS B 61 -4.13 2.41 20.88
C LYS B 61 -5.15 3.51 21.00
N VAL B 62 -6.13 3.51 20.10
CA VAL B 62 -7.18 4.52 20.12
C VAL B 62 -8.53 3.82 20.02
N GLU B 63 -9.52 4.35 20.73
CA GLU B 63 -10.88 3.81 20.69
C GLU B 63 -11.77 4.98 20.30
N VAL B 64 -12.55 4.80 19.24
CA VAL B 64 -13.45 5.85 18.77
C VAL B 64 -14.89 5.36 18.78
N PRO B 65 -15.81 6.13 19.39
CA PRO B 65 -17.21 5.73 19.46
C PRO B 65 -18.02 5.93 18.18
N LYS B 66 -19.04 5.10 17.97
CA LYS B 66 -19.92 5.28 16.82
C LYS B 66 -20.88 6.34 17.33
N VAL B 67 -20.99 7.45 16.63
CA VAL B 67 -21.84 8.53 17.08
C VAL B 67 -23.25 8.59 16.47
N ALA B 68 -23.41 8.18 15.22
CA ALA B 68 -24.71 8.21 14.58
C ALA B 68 -25.75 7.37 15.33
N THR B 69 -26.87 7.99 15.68
CA THR B 69 -27.98 7.37 16.41
C THR B 69 -27.61 6.98 17.84
N GLN B 70 -26.51 7.53 18.31
CA GLN B 70 -26.02 7.28 19.66
C GLN B 70 -26.93 7.91 20.68
N THR B 71 -27.11 7.25 21.82
CA THR B 71 -27.93 7.80 22.91
C THR B 71 -26.94 8.17 24.02
N VAL B 72 -26.70 9.46 24.18
CA VAL B 72 -25.75 9.91 25.17
C VAL B 72 -26.03 9.44 26.59
N GLY B 73 -25.08 8.71 27.14
CA GLY B 73 -25.20 8.20 28.49
C GLY B 73 -26.01 6.92 28.59
N GLY B 74 -26.48 6.41 27.46
CA GLY B 74 -27.28 5.20 27.48
C GLY B 74 -26.47 3.92 27.47
N VAL B 75 -27.17 2.79 27.59
CA VAL B 75 -26.54 1.49 27.57
C VAL B 75 -26.72 0.93 26.17
N GLU B 76 -25.63 0.87 25.41
CA GLU B 76 -25.67 0.38 24.03
C GLU B 76 -24.96 -0.95 23.84
N LEU B 77 -25.71 -2.00 23.52
CA LEU B 77 -25.16 -3.33 23.30
C LEU B 77 -25.54 -3.82 21.91
N PRO B 78 -24.68 -4.64 21.28
CA PRO B 78 -23.40 -5.14 21.80
C PRO B 78 -22.30 -4.08 21.66
N VAL B 79 -21.35 -4.12 22.59
CA VAL B 79 -20.25 -3.16 22.61
C VAL B 79 -19.52 -3.10 21.27
N ALA B 80 -19.33 -4.25 20.65
CA ALA B 80 -18.61 -4.32 19.37
C ALA B 80 -19.27 -3.59 18.22
N ALA B 81 -20.54 -3.26 18.35
CA ALA B 81 -21.25 -2.58 17.29
C ALA B 81 -21.13 -1.08 17.40
N TRP B 82 -20.70 -0.61 18.56
CA TRP B 82 -20.59 0.83 18.80
C TRP B 82 -19.20 1.40 18.99
N ARG B 83 -18.17 0.63 18.65
CA ARG B 83 -16.80 1.12 18.81
C ARG B 83 -15.82 0.66 17.76
N SER B 84 -14.88 1.54 17.43
CA SER B 84 -13.84 1.24 16.46
C SER B 84 -12.53 1.22 17.23
N TYR B 85 -11.64 0.31 16.86
CA TYR B 85 -10.37 0.20 17.55
C TYR B 85 -9.17 0.38 16.65
N LEU B 86 -8.34 1.37 16.97
CA LEU B 86 -7.13 1.62 16.22
C LEU B 86 -5.99 1.04 17.05
N ASN B 87 -5.10 0.32 16.37
CA ASN B 87 -3.98 -0.31 17.05
C ASN B 87 -2.70 -0.08 16.27
N MET B 88 -1.84 0.79 16.78
CA MET B 88 -0.58 1.11 16.11
C MET B 88 0.65 0.62 16.84
N GLU B 89 1.59 0.06 16.08
CA GLU B 89 2.85 -0.39 16.64
C GLU B 89 3.95 0.19 15.78
N LEU B 90 4.78 1.01 16.41
CA LEU B 90 5.87 1.67 15.73
C LEU B 90 7.19 1.12 16.25
N THR B 91 7.93 0.44 15.38
CA THR B 91 9.22 -0.13 15.73
C THR B 91 10.33 0.78 15.21
N ILE B 92 11.23 1.18 16.09
CA ILE B 92 12.32 2.06 15.72
C ILE B 92 13.65 1.52 16.19
N PRO B 93 14.61 1.30 15.27
CA PRO B 93 15.94 0.77 15.61
C PRO B 93 16.63 1.72 16.58
N ILE B 94 17.41 1.18 17.51
CA ILE B 94 18.09 2.00 18.50
C ILE B 94 19.09 2.99 17.92
N PHE B 95 19.34 2.93 16.62
CA PHE B 95 20.30 3.84 15.99
C PHE B 95 19.64 5.13 15.52
N ALA B 96 18.32 5.18 15.57
CA ALA B 96 17.59 6.36 15.11
C ALA B 96 17.82 7.58 15.97
N THR B 97 18.30 8.66 15.36
CA THR B 97 18.54 9.89 16.07
C THR B 97 17.23 10.65 16.17
N ASN B 98 17.23 11.81 16.84
CA ASN B 98 15.99 12.57 16.94
C ASN B 98 15.55 12.99 15.55
N SER B 99 16.52 13.29 14.69
CA SER B 99 16.20 13.68 13.32
C SER B 99 15.53 12.55 12.58
N ASP B 100 16.07 11.34 12.74
CA ASP B 100 15.47 10.19 12.08
C ASP B 100 14.03 10.06 12.56
N CYS B 101 13.82 10.20 13.86
CA CYS B 101 12.50 10.08 14.45
C CYS B 101 11.54 11.16 14.01
N GLU B 102 12.05 12.35 13.77
CA GLU B 102 11.20 13.44 13.30
C GLU B 102 10.67 13.09 11.91
N LEU B 103 11.52 12.47 11.11
CA LEU B 103 11.15 12.09 9.77
C LEU B 103 10.09 10.99 9.81
N ILE B 104 10.21 10.09 10.79
CA ILE B 104 9.26 9.00 10.94
C ILE B 104 7.88 9.56 11.30
N VAL B 105 7.86 10.63 12.08
CA VAL B 105 6.60 11.24 12.45
C VAL B 105 5.96 11.89 11.23
N LYS B 106 6.78 12.55 10.42
CA LYS B 106 6.28 13.20 9.21
C LYS B 106 5.67 12.17 8.27
N ALA B 107 6.28 10.99 8.19
CA ALA B 107 5.78 9.94 7.32
C ALA B 107 4.39 9.53 7.80
N MET B 108 4.18 9.51 9.11
CA MET B 108 2.88 9.14 9.65
C MET B 108 1.86 10.23 9.39
N GLN B 109 2.29 11.49 9.51
CA GLN B 109 1.38 12.60 9.26
C GLN B 109 0.98 12.61 7.79
N GLY B 110 1.95 12.36 6.92
CA GLY B 110 1.68 12.34 5.50
C GLY B 110 0.74 11.22 5.10
N LEU B 111 0.91 10.07 5.73
CA LEU B 111 0.07 8.91 5.45
C LEU B 111 -1.40 9.21 5.68
N LEU B 112 -1.68 9.99 6.73
CA LEU B 112 -3.06 10.31 7.09
C LEU B 112 -3.53 11.70 6.72
N LYS B 113 -2.73 12.43 5.95
CA LYS B 113 -3.14 13.77 5.57
C LYS B 113 -4.43 13.74 4.75
N ASP B 114 -5.23 14.77 4.95
CA ASP B 114 -6.50 14.90 4.26
C ASP B 114 -6.35 14.87 2.75
N GLY B 115 -7.17 14.06 2.09
CA GLY B 115 -7.11 13.99 0.64
C GLY B 115 -6.25 12.86 0.10
N ASN B 116 -5.44 12.25 0.95
CA ASN B 116 -4.59 11.15 0.50
C ASN B 116 -5.39 9.85 0.45
N PRO B 117 -4.90 8.85 -0.29
CA PRO B 117 -5.57 7.56 -0.44
C PRO B 117 -6.14 6.88 0.80
N ILE B 118 -5.28 6.47 1.72
CA ILE B 118 -5.71 5.79 2.93
C ILE B 118 -6.84 6.50 3.69
N PRO B 119 -6.65 7.76 4.10
CA PRO B 119 -7.75 8.40 4.81
C PRO B 119 -9.02 8.56 3.99
N SER B 120 -8.89 8.72 2.69
CA SER B 120 -10.08 8.87 1.84
C SER B 120 -10.83 7.55 1.73
N ALA B 121 -10.09 6.45 1.72
CA ALA B 121 -10.71 5.13 1.62
C ALA B 121 -11.49 4.86 2.90
N ILE B 122 -10.85 5.06 4.04
CA ILE B 122 -11.47 4.82 5.33
C ILE B 122 -12.73 5.66 5.52
N ALA B 123 -12.61 6.96 5.23
CA ALA B 123 -13.71 7.90 5.38
C ALA B 123 -14.90 7.59 4.48
N ALA B 124 -14.68 6.84 3.40
CA ALA B 124 -15.77 6.50 2.49
C ALA B 124 -16.19 5.05 2.56
N ASN B 125 -15.89 4.38 3.67
CA ASN B 125 -16.24 2.97 3.84
C ASN B 125 -15.73 2.14 2.67
N SER B 126 -14.61 2.54 2.09
CA SER B 126 -14.07 1.85 0.93
C SER B 126 -12.71 1.20 1.12
N GLY B 127 -12.26 0.58 0.03
CA GLY B 127 -10.96 -0.05 -0.01
C GLY B 127 -10.21 0.70 -1.09
N ILE B 128 -9.18 0.09 -1.66
CA ILE B 128 -8.43 0.75 -2.72
C ILE B 128 -8.96 0.26 -4.06
N TYR B 129 -9.11 1.17 -5.01
CA TYR B 129 -9.62 0.82 -6.34
C TYR B 129 -9.17 1.80 -7.42
N ALA C 1 -5.59 5.58 -10.54
CA ALA C 1 -4.39 5.20 -11.36
C ALA C 1 -4.25 3.67 -11.52
N SER C 2 -4.01 3.23 -12.75
CA SER C 2 -3.85 1.80 -13.04
C SER C 2 -3.05 1.57 -14.30
N ASN C 3 -2.38 0.44 -14.32
CA ASN C 3 -1.61 0.05 -15.50
C ASN C 3 -2.24 -1.27 -15.93
N PHE C 4 -3.33 -1.64 -15.24
CA PHE C 4 -4.07 -2.86 -15.56
C PHE C 4 -5.22 -2.42 -16.45
N THR C 5 -4.85 -1.89 -17.61
CA THR C 5 -5.82 -1.38 -18.57
C THR C 5 -5.64 -2.10 -19.90
N GLN C 6 -6.53 -1.82 -20.85
CA GLN C 6 -6.41 -2.47 -22.14
C GLN C 6 -5.32 -1.78 -22.95
N PHE C 7 -4.79 -2.48 -23.95
CA PHE C 7 -3.73 -1.92 -24.78
C PHE C 7 -3.63 -2.68 -26.08
N VAL C 8 -2.94 -2.09 -27.04
CA VAL C 8 -2.77 -2.71 -28.34
C VAL C 8 -1.62 -3.72 -28.34
N LEU C 9 -1.96 -4.99 -28.53
CA LEU C 9 -0.95 -6.05 -28.56
C LEU C 9 -0.37 -6.12 -29.96
N VAL C 10 -1.23 -6.11 -30.98
CA VAL C 10 -0.76 -6.15 -32.36
C VAL C 10 -1.21 -4.88 -33.04
N ASP C 11 -0.25 -4.15 -33.62
CA ASP C 11 -0.55 -2.91 -34.29
C ASP C 11 -0.48 -3.04 -35.81
N ASN C 12 -1.63 -2.83 -36.46
CA ASN C 12 -1.73 -2.88 -37.93
C ASN C 12 -2.35 -1.56 -38.35
N GLY C 13 -1.52 -0.53 -38.42
CA GLY C 13 -2.05 0.78 -38.76
C GLY C 13 -3.05 1.08 -37.64
N GLY C 14 -4.22 1.62 -37.99
CA GLY C 14 -5.20 1.92 -36.96
C GLY C 14 -6.43 1.03 -37.16
N THR C 15 -6.29 0.01 -38.01
CA THR C 15 -7.39 -0.90 -38.32
C THR C 15 -6.91 -2.35 -38.53
N GLY C 16 -7.50 -3.25 -37.74
CA GLY C 16 -7.10 -4.66 -37.79
C GLY C 16 -6.23 -4.87 -36.55
N ASP C 17 -6.10 -3.79 -35.76
CA ASP C 17 -5.31 -3.82 -34.54
C ASP C 17 -5.91 -4.82 -33.57
N VAL C 18 -5.05 -5.56 -32.88
CA VAL C 18 -5.51 -6.51 -31.90
C VAL C 18 -5.38 -5.85 -30.53
N THR C 19 -6.51 -5.66 -29.87
CA THR C 19 -6.52 -5.06 -28.56
C THR C 19 -6.83 -6.14 -27.55
N VAL C 20 -6.14 -6.07 -26.44
CA VAL C 20 -6.30 -7.04 -25.38
C VAL C 20 -6.80 -6.22 -24.18
N ALA C 21 -7.81 -6.72 -23.47
CA ALA C 21 -8.39 -6.01 -22.33
C ALA C 21 -8.36 -6.82 -21.04
N PRO C 22 -8.27 -6.13 -19.88
CA PRO C 22 -8.24 -6.83 -18.59
C PRO C 22 -9.37 -7.83 -18.43
N SER C 23 -9.12 -8.94 -17.75
CA SER C 23 -10.17 -9.91 -17.54
C SER C 23 -10.13 -10.53 -16.15
N ASN C 24 -8.93 -10.72 -15.62
CA ASN C 24 -8.85 -11.34 -14.31
C ASN C 24 -7.55 -10.98 -13.63
N PHE C 25 -7.57 -10.92 -12.30
CA PHE C 25 -6.37 -10.61 -11.54
C PHE C 25 -6.37 -11.41 -10.27
N ALA C 26 -6.53 -12.72 -10.40
CA ALA C 26 -6.56 -13.62 -9.25
C ALA C 26 -5.19 -14.19 -8.90
N ASN C 27 -4.93 -14.33 -7.60
CA ASN C 27 -3.68 -14.88 -7.11
C ASN C 27 -2.43 -14.21 -7.69
N GLY C 28 -2.42 -12.88 -7.73
CA GLY C 28 -1.26 -12.17 -8.24
C GLY C 28 -0.94 -12.36 -9.71
N VAL C 29 -1.87 -12.91 -10.48
CA VAL C 29 -1.65 -13.09 -11.92
C VAL C 29 -2.63 -12.25 -12.73
N ALA C 30 -2.12 -11.20 -13.38
CA ALA C 30 -2.94 -10.32 -14.19
C ALA C 30 -3.16 -10.98 -15.55
N GLU C 31 -4.38 -10.94 -16.05
CA GLU C 31 -4.69 -11.55 -17.33
C GLU C 31 -5.44 -10.60 -18.26
N TRP C 32 -5.04 -10.60 -19.53
CA TRP C 32 -5.66 -9.77 -20.56
C TRP C 32 -6.11 -10.71 -21.67
N ILE C 33 -7.26 -10.43 -22.28
CA ILE C 33 -7.81 -11.26 -23.36
C ILE C 33 -8.38 -10.36 -24.45
N SER C 34 -8.26 -10.76 -25.72
CA SER C 34 -8.82 -9.96 -26.80
C SER C 34 -10.31 -10.29 -26.86
N SER C 35 -11.10 -9.45 -27.52
CA SER C 35 -12.54 -9.68 -27.59
C SER C 35 -13.01 -10.85 -28.47
N ASN C 36 -14.31 -11.15 -28.38
CA ASN C 36 -14.96 -12.24 -29.10
C ASN C 36 -14.64 -13.60 -28.50
N SER C 37 -15.05 -14.67 -29.17
CA SER C 37 -14.82 -16.03 -28.67
C SER C 37 -13.53 -16.22 -27.91
N ARG C 38 -13.65 -16.60 -26.65
CA ARG C 38 -12.50 -16.85 -25.80
C ARG C 38 -11.63 -17.90 -26.49
N SER C 39 -12.26 -18.77 -27.26
CA SER C 39 -11.54 -19.83 -27.97
C SER C 39 -10.57 -19.34 -29.03
N GLN C 40 -10.82 -18.16 -29.60
CA GLN C 40 -9.94 -17.62 -30.64
C GLN C 40 -9.22 -16.36 -30.16
N ALA C 41 -9.26 -16.11 -28.86
CA ALA C 41 -8.67 -14.90 -28.31
C ALA C 41 -7.18 -14.95 -28.02
N TYR C 42 -6.57 -13.75 -28.02
CA TYR C 42 -5.17 -13.59 -27.71
C TYR C 42 -5.14 -13.50 -26.20
N LYS C 43 -4.09 -14.01 -25.59
CA LYS C 43 -4.01 -13.98 -24.14
C LYS C 43 -2.66 -13.49 -23.68
N VAL C 44 -2.67 -12.71 -22.61
CA VAL C 44 -1.45 -12.18 -22.03
C VAL C 44 -1.59 -12.25 -20.52
N THR C 45 -0.60 -12.81 -19.84
CA THR C 45 -0.65 -12.86 -18.38
C THR C 45 0.68 -12.32 -17.87
N CYS C 46 0.66 -11.80 -16.65
CA CYS C 46 1.86 -11.24 -16.06
C CYS C 46 1.80 -11.31 -14.55
N SER C 47 2.94 -11.57 -13.91
CA SER C 47 3.01 -11.61 -12.46
C SER C 47 4.43 -11.31 -12.01
N VAL C 48 4.58 -10.95 -10.74
CA VAL C 48 5.88 -10.63 -10.17
C VAL C 48 5.95 -11.26 -8.79
N ARG C 49 7.14 -11.68 -8.39
CA ARG C 49 7.31 -12.27 -7.08
C ARG C 49 8.75 -12.11 -6.64
N GLN C 50 8.97 -12.24 -5.35
CA GLN C 50 10.29 -12.15 -4.77
C GLN C 50 10.81 -13.58 -4.92
N SER C 51 11.55 -13.84 -6.00
CA SER C 51 12.06 -15.17 -6.27
C SER C 51 13.07 -15.63 -5.22
N SER C 52 13.77 -14.68 -4.61
CA SER C 52 14.75 -15.00 -3.58
C SER C 52 15.01 -13.74 -2.77
N ALA C 53 15.97 -13.83 -1.85
CA ALA C 53 16.29 -12.69 -1.01
C ALA C 53 16.64 -11.44 -1.82
N GLN C 54 17.44 -11.61 -2.86
CA GLN C 54 17.86 -10.46 -3.64
C GLN C 54 17.22 -10.23 -5.00
N ASN C 55 16.35 -11.14 -5.42
CA ASN C 55 15.73 -10.97 -6.73
C ASN C 55 14.22 -10.96 -6.80
N ARG C 56 13.73 -10.16 -7.73
CA ARG C 56 12.31 -10.10 -8.01
C ARG C 56 12.25 -10.71 -9.40
N LYS C 57 11.16 -11.42 -9.70
CA LYS C 57 11.07 -12.11 -10.97
C LYS C 57 9.73 -11.98 -11.67
N TYR C 58 9.76 -11.43 -12.88
CA TYR C 58 8.54 -11.27 -13.68
C TYR C 58 8.34 -12.49 -14.55
N THR C 59 7.09 -12.89 -14.74
CA THR C 59 6.76 -14.02 -15.58
C THR C 59 5.68 -13.53 -16.56
N ILE C 60 6.05 -13.30 -17.80
CA ILE C 60 5.13 -12.82 -18.83
C ILE C 60 4.79 -13.97 -19.76
N LYS C 61 3.55 -14.03 -20.24
CA LYS C 61 3.13 -15.08 -21.16
C LYS C 61 2.17 -14.55 -22.19
N VAL C 62 2.40 -14.93 -23.44
CA VAL C 62 1.53 -14.49 -24.52
C VAL C 62 1.14 -15.67 -25.37
N GLU C 63 -0.09 -15.63 -25.89
CA GLU C 63 -0.61 -16.68 -26.74
C GLU C 63 -1.17 -16.06 -28.01
N VAL C 64 -0.64 -16.46 -29.15
CA VAL C 64 -1.11 -15.96 -30.44
C VAL C 64 -1.84 -17.14 -31.08
N PRO C 65 -3.14 -16.98 -31.35
CA PRO C 65 -3.93 -18.04 -31.95
C PRO C 65 -4.01 -17.97 -33.46
N LYS C 66 -4.26 -19.12 -34.07
CA LYS C 66 -4.44 -19.20 -35.50
C LYS C 66 -5.94 -19.45 -35.67
N VAL C 67 -6.66 -18.36 -35.91
CA VAL C 67 -8.11 -18.42 -36.06
C VAL C 67 -8.61 -19.34 -37.18
N ALA C 68 -9.51 -20.24 -36.83
CA ALA C 68 -10.06 -21.18 -37.81
C ALA C 68 -11.45 -21.64 -37.36
N THR C 69 -12.19 -22.27 -38.27
CA THR C 69 -13.52 -22.79 -37.98
C THR C 69 -13.47 -24.30 -37.95
N GLN C 70 -14.00 -24.91 -36.90
CA GLN C 70 -13.98 -26.36 -36.83
C GLN C 70 -15.34 -26.90 -37.24
N THR C 71 -15.36 -27.97 -38.03
CA THR C 71 -16.63 -28.56 -38.43
C THR C 71 -16.62 -30.04 -38.15
N VAL C 72 -17.57 -30.49 -37.34
CA VAL C 72 -17.70 -31.88 -36.97
C VAL C 72 -19.18 -32.25 -36.92
N GLY C 73 -19.56 -33.22 -37.74
CA GLY C 73 -20.95 -33.64 -37.80
C GLY C 73 -21.83 -32.51 -38.32
N GLY C 74 -21.24 -31.58 -39.05
CA GLY C 74 -22.04 -30.48 -39.57
C GLY C 74 -22.22 -29.35 -38.58
N VAL C 75 -21.62 -29.50 -37.39
CA VAL C 75 -21.69 -28.46 -36.37
C VAL C 75 -20.38 -27.69 -36.41
N GLU C 76 -20.42 -26.41 -36.77
CA GLU C 76 -19.17 -25.66 -36.81
C GLU C 76 -19.02 -24.69 -35.63
N LEU C 77 -17.81 -24.71 -35.05
CA LEU C 77 -17.46 -23.88 -33.91
C LEU C 77 -16.24 -23.02 -34.20
N PRO C 78 -16.15 -21.85 -33.55
CA PRO C 78 -15.00 -20.95 -33.74
C PRO C 78 -13.92 -21.51 -32.83
N VAL C 79 -12.77 -21.84 -33.41
CA VAL C 79 -11.68 -22.38 -32.62
C VAL C 79 -10.36 -21.80 -33.08
N ALA C 80 -9.29 -22.31 -32.49
CA ALA C 80 -7.95 -21.91 -32.86
C ALA C 80 -7.31 -23.21 -33.38
N ALA C 81 -6.88 -23.19 -34.64
CA ALA C 81 -6.26 -24.37 -35.25
C ALA C 81 -5.03 -24.76 -34.42
N TRP C 82 -4.32 -23.74 -33.92
CA TRP C 82 -3.15 -23.93 -33.08
C TRP C 82 -2.76 -22.60 -32.44
N ARG C 83 -1.75 -22.62 -31.59
CA ARG C 83 -1.31 -21.41 -30.90
C ARG C 83 0.21 -21.35 -30.73
N SER C 84 0.74 -20.12 -30.72
CA SER C 84 2.18 -19.90 -30.47
C SER C 84 2.21 -19.52 -29.02
N TYR C 85 3.19 -20.03 -28.28
CA TYR C 85 3.29 -19.70 -26.88
C TYR C 85 4.60 -18.99 -26.57
N LEU C 86 4.51 -17.82 -25.96
CA LEU C 86 5.70 -17.08 -25.59
C LEU C 86 5.78 -17.06 -24.07
N ASN C 87 6.85 -17.60 -23.51
CA ASN C 87 7.03 -17.58 -22.06
C ASN C 87 8.32 -16.89 -21.73
N MET C 88 8.26 -15.80 -20.98
CA MET C 88 9.50 -15.13 -20.62
C MET C 88 9.60 -14.82 -19.15
N GLU C 89 10.82 -14.96 -18.63
CA GLU C 89 11.10 -14.69 -17.22
C GLU C 89 12.20 -13.64 -17.13
N LEU C 90 11.92 -12.58 -16.39
CA LEU C 90 12.88 -11.51 -16.23
C LEU C 90 13.26 -11.39 -14.77
N THR C 91 14.54 -11.61 -14.46
CA THR C 91 15.02 -11.52 -13.09
C THR C 91 15.76 -10.21 -12.89
N ILE C 92 15.37 -9.46 -11.86
CA ILE C 92 15.99 -8.19 -11.56
C ILE C 92 16.33 -8.06 -10.07
N PRO C 93 17.62 -7.86 -9.75
CA PRO C 93 18.10 -7.71 -8.38
C PRO C 93 17.41 -6.52 -7.72
N ILE C 94 17.26 -6.56 -6.40
CA ILE C 94 16.61 -5.48 -5.69
C ILE C 94 17.45 -4.21 -5.60
N PHE C 95 18.67 -4.25 -6.14
CA PHE C 95 19.54 -3.08 -6.11
C PHE C 95 19.32 -2.21 -7.33
N ALA C 96 18.53 -2.70 -8.29
CA ALA C 96 18.27 -1.95 -9.50
C ALA C 96 17.41 -0.73 -9.22
N THR C 97 17.89 0.41 -9.68
CA THR C 97 17.17 1.66 -9.50
C THR C 97 16.19 1.77 -10.66
N ASN C 98 15.39 2.82 -10.71
CA ASN C 98 14.45 2.99 -11.81
C ASN C 98 15.23 3.18 -13.11
N SER C 99 16.41 3.79 -13.01
CA SER C 99 17.24 4.00 -14.18
C SER C 99 17.73 2.68 -14.72
N ASP C 100 18.12 1.79 -13.81
CA ASP C 100 18.59 0.48 -14.24
C ASP C 100 17.48 -0.29 -14.93
N CYS C 101 16.26 -0.18 -14.41
CA CYS C 101 15.13 -0.88 -14.98
C CYS C 101 14.75 -0.35 -16.35
N GLU C 102 14.89 0.94 -16.55
CA GLU C 102 14.58 1.54 -17.84
C GLU C 102 15.54 1.00 -18.89
N LEU C 103 16.77 0.75 -18.48
CA LEU C 103 17.80 0.23 -19.37
C LEU C 103 17.42 -1.18 -19.76
N ILE C 104 16.97 -1.96 -18.78
CA ILE C 104 16.56 -3.33 -19.01
C ILE C 104 15.42 -3.37 -20.03
N VAL C 105 14.53 -2.39 -19.97
CA VAL C 105 13.41 -2.37 -20.91
C VAL C 105 13.89 -1.99 -22.29
N LYS C 106 14.83 -1.06 -22.39
CA LYS C 106 15.33 -0.67 -23.70
C LYS C 106 16.05 -1.85 -24.35
N ALA C 107 16.67 -2.69 -23.52
CA ALA C 107 17.39 -3.85 -24.03
C ALA C 107 16.39 -4.81 -24.65
N MET C 108 15.25 -4.98 -24.00
CA MET C 108 14.23 -5.88 -24.52
C MET C 108 13.61 -5.36 -25.80
N GLN C 109 13.40 -4.04 -25.87
CA GLN C 109 12.83 -3.43 -27.05
C GLN C 109 13.81 -3.50 -28.22
N GLY C 110 15.09 -3.31 -27.92
CA GLY C 110 16.10 -3.37 -28.95
C GLY C 110 16.26 -4.77 -29.50
N LEU C 111 16.18 -5.76 -28.62
CA LEU C 111 16.30 -7.15 -29.04
C LEU C 111 15.28 -7.49 -30.12
N LEU C 112 14.10 -6.90 -30.03
CA LEU C 112 13.03 -7.19 -30.96
C LEU C 112 12.72 -6.14 -32.02
N LYS C 113 13.53 -5.10 -32.11
CA LYS C 113 13.29 -4.06 -33.10
C LYS C 113 13.33 -4.61 -34.53
N ASP C 114 12.50 -4.05 -35.42
CA ASP C 114 12.48 -4.51 -36.81
C ASP C 114 13.86 -4.43 -37.43
N GLY C 115 14.22 -5.48 -38.17
CA GLY C 115 15.51 -5.49 -38.84
C GLY C 115 16.63 -6.14 -38.07
N ASN C 116 16.49 -6.26 -36.75
CA ASN C 116 17.54 -6.87 -35.97
C ASN C 116 17.51 -8.38 -36.16
N PRO C 117 18.65 -9.05 -35.94
CA PRO C 117 18.79 -10.49 -36.08
C PRO C 117 17.66 -11.39 -35.62
N ILE C 118 17.36 -11.34 -34.33
CA ILE C 118 16.33 -12.22 -33.79
C ILE C 118 14.91 -12.07 -34.31
N PRO C 119 14.38 -10.85 -34.35
CA PRO C 119 13.00 -10.77 -34.87
C PRO C 119 12.95 -11.14 -36.35
N SER C 120 14.05 -10.89 -37.07
CA SER C 120 14.11 -11.22 -38.48
C SER C 120 14.12 -12.72 -38.73
N ALA C 121 14.80 -13.45 -37.85
CA ALA C 121 14.87 -14.89 -37.99
C ALA C 121 13.49 -15.49 -37.77
N ILE C 122 12.86 -15.11 -36.66
CA ILE C 122 11.54 -15.60 -36.31
C ILE C 122 10.52 -15.32 -37.41
N ALA C 123 10.45 -14.07 -37.85
CA ALA C 123 9.50 -13.67 -38.88
C ALA C 123 9.69 -14.41 -40.20
N ALA C 124 10.80 -15.13 -40.34
CA ALA C 124 11.06 -15.84 -41.59
C ALA C 124 11.19 -17.34 -41.40
N ASN C 125 10.66 -17.87 -40.31
CA ASN C 125 10.75 -19.30 -40.06
C ASN C 125 12.19 -19.77 -40.05
N SER C 126 13.12 -18.86 -39.79
CA SER C 126 14.53 -19.21 -39.81
C SER C 126 15.22 -19.20 -38.45
N GLY C 127 16.50 -19.57 -38.48
CA GLY C 127 17.31 -19.56 -37.29
C GLY C 127 18.43 -18.58 -37.59
N ILE C 128 19.54 -18.68 -36.89
CA ILE C 128 20.64 -17.76 -37.15
C ILE C 128 21.52 -18.38 -38.23
N TYR C 129 22.18 -17.54 -39.01
CA TYR C 129 23.06 -18.03 -40.08
C TYR C 129 23.99 -16.94 -40.57
#